data_1E58
#
_entry.id   1E58
#
_cell.length_a   61.570
_cell.length_b   113.000
_cell.length_c   40.260
_cell.angle_alpha   90.00
_cell.angle_beta   90.00
_cell.angle_gamma   90.00
#
_symmetry.space_group_name_H-M   'P 21 21 2'
#
loop_
_entity.id
_entity.type
_entity.pdbx_description
1 polymer 'PHOSPHOGLYCERATE MUTASE'
2 non-polymer 'SULFATE ION'
3 non-polymer 'CHLORIDE ION'
4 water water
#
_entity_poly.entity_id   1
_entity_poly.type   'polypeptide(L)'
_entity_poly.pdbx_seq_one_letter_code
;AVTKLVLVR(NEP)GESQWNKENRFTGWYDVDLSEKGVSEAKAAGKLLKEEGYSFDFAYTSVLKRAIHTLWNVLDELDQA
WLPVEKSWKLNERHYGALQGLNKAETAEKYGDEQVKQWRRGFAVTPPELTKDDERYPGHDPRYAKLSEKELPLTESLALT
IDRVIPYWNETILPRMKSGERVIIAAHGNSLRALVKYLDNMSEEEILELNIPTGVPLVYEFDENFKPLKRYYLGNADEIA
AKAAAVANQGKAK
;
_entity_poly.pdbx_strand_id   A
#
loop_
_chem_comp.id
_chem_comp.type
_chem_comp.name
_chem_comp.formula
CL non-polymer 'CHLORIDE ION' 'Cl -1'
SO4 non-polymer 'SULFATE ION' 'O4 S -2'
#
# COMPACT_ATOMS: atom_id res chain seq x y z
N ALA A 1 -7.31 -15.63 22.40
N ALA A 1 -4.98 -15.57 23.63
CA ALA A 1 -6.00 -14.99 22.54
CA ALA A 1 -5.90 -15.20 22.57
C ALA A 1 -5.23 -14.92 21.24
N VAL A 2 -5.95 -15.11 20.14
CA VAL A 2 -5.48 -14.70 18.82
C VAL A 2 -5.62 -13.18 18.67
N THR A 3 -4.65 -12.52 18.07
CA THR A 3 -4.64 -11.09 17.79
C THR A 3 -4.91 -10.89 16.30
N LYS A 4 -5.81 -10.00 15.93
CA LYS A 4 -6.09 -9.68 14.55
C LYS A 4 -5.47 -8.35 14.12
N LEU A 5 -4.96 -8.35 12.88
CA LEU A 5 -4.45 -7.19 12.15
C LEU A 5 -5.24 -7.04 10.87
N VAL A 6 -5.65 -5.84 10.51
CA VAL A 6 -6.32 -5.62 9.25
C VAL A 6 -5.49 -4.72 8.36
N LEU A 7 -5.24 -5.15 7.13
CA LEU A 7 -4.57 -4.41 6.09
C LEU A 7 -5.56 -4.01 5.00
N VAL A 8 -5.43 -2.81 4.45
CA VAL A 8 -6.28 -2.44 3.31
C VAL A 8 -5.47 -1.54 2.38
N ARG A 9 -5.39 -1.95 1.14
CA ARG A 9 -4.88 -1.09 0.08
C ARG A 9 -5.88 0.04 -0.20
N NEP A 10 -5.35 1.26 -0.47
CA NEP A 10 -6.20 2.39 -0.86
C NEP A 10 -7.23 1.97 -1.92
O NEP A 10 -6.94 1.12 -2.79
CB NEP A 10 -5.36 3.54 -1.39
CG NEP A 10 -4.59 3.21 -2.61
CG NEP A 10 -4.64 3.26 -2.67
ND1 NEP A 10 -5.13 3.17 -3.88
ND1 NEP A 10 -5.18 3.39 -3.92
CD2 NEP A 10 -3.25 2.92 -2.83
CD2 NEP A 10 -3.36 2.86 -2.88
CE1 NEP A 10 -4.22 2.84 -4.79
CE1 NEP A 10 -4.28 3.08 -4.85
NE2 NEP A 10 -3.08 2.70 -4.15
NE2 NEP A 10 -3.16 2.74 -4.25
P NEP A 10 -1.63 2.29 -4.94
O1P NEP A 10 -1.69 2.59 -6.40
O2P NEP A 10 -0.73 3.26 -4.20
O3P NEP A 10 -1.47 0.87 -4.56
N GLY A 11 -8.42 2.58 -1.85
CA GLY A 11 -9.37 2.46 -2.95
C GLY A 11 -8.78 2.95 -4.27
N GLU A 12 -9.34 2.53 -5.40
CA GLU A 12 -8.86 2.94 -6.71
C GLU A 12 -8.58 4.44 -6.76
N SER A 13 -7.36 4.76 -7.26
CA SER A 13 -6.99 6.15 -7.45
C SER A 13 -7.33 6.64 -8.86
N GLN A 14 -7.33 7.97 -9.04
CA GLN A 14 -7.59 8.52 -10.40
C GLN A 14 -6.54 8.04 -11.39
N TRP A 15 -5.27 7.89 -10.98
CA TRP A 15 -4.21 7.44 -11.87
C TRP A 15 -4.20 5.90 -12.03
N ASN A 16 -4.76 5.12 -11.09
CA ASN A 16 -5.08 3.75 -11.36
C ASN A 16 -6.09 3.66 -12.56
N LYS A 17 -7.16 4.41 -12.49
CA LYS A 17 -8.16 4.46 -13.55
C LYS A 17 -7.53 4.88 -14.87
N GLU A 18 -6.68 5.92 -14.85
CA GLU A 18 -6.11 6.48 -16.07
C GLU A 18 -4.87 5.73 -16.55
N ASN A 19 -4.43 4.67 -15.85
CA ASN A 19 -3.29 3.84 -16.26
C ASN A 19 -2.02 4.65 -16.31
N ARG A 20 -1.72 5.39 -15.22
CA ARG A 20 -0.49 6.16 -15.06
C ARG A 20 0.29 5.69 -13.86
N PHE A 21 1.62 5.58 -14.01
CA PHE A 21 2.48 5.30 -12.90
C PHE A 21 2.42 6.45 -11.88
N THR A 22 2.23 6.11 -10.59
CA THR A 22 2.02 7.16 -9.59
C THR A 22 3.17 7.31 -8.59
N GLY A 23 3.54 6.24 -7.89
CA GLY A 23 4.60 6.33 -6.89
C GLY A 23 4.22 7.30 -5.77
N TRP A 24 5.10 8.26 -5.46
CA TRP A 24 4.84 9.26 -4.44
C TRP A 24 4.01 10.43 -4.96
N TYR A 25 3.64 10.50 -6.24
CA TYR A 25 2.74 11.56 -6.64
C TYR A 25 1.43 11.47 -5.85
N ASP A 26 0.95 12.59 -5.33
CA ASP A 26 -0.14 12.53 -4.33
C ASP A 26 -1.53 12.66 -4.95
N VAL A 27 -1.88 11.70 -5.83
CA VAL A 27 -3.17 11.70 -6.51
C VAL A 27 -4.31 11.26 -5.59
N ASP A 28 -5.51 11.75 -5.82
CA ASP A 28 -6.64 11.35 -4.98
C ASP A 28 -7.32 10.08 -5.52
N LEU A 29 -8.22 9.58 -4.67
CA LEU A 29 -9.19 8.56 -5.01
C LEU A 29 -9.99 8.94 -6.24
N SER A 30 -10.31 8.00 -7.12
CA SER A 30 -11.36 8.21 -8.13
C SER A 30 -12.74 8.12 -7.42
N GLU A 31 -13.79 8.45 -8.13
CA GLU A 31 -15.15 8.22 -7.64
C GLU A 31 -15.36 6.77 -7.23
N LYS A 32 -14.92 5.84 -8.07
CA LYS A 32 -15.00 4.40 -7.73
C LYS A 32 -14.18 4.09 -6.51
N GLY A 33 -13.01 4.69 -6.33
CA GLY A 33 -12.23 4.44 -5.15
C GLY A 33 -12.85 4.90 -3.84
N VAL A 34 -13.57 6.03 -3.89
CA VAL A 34 -14.36 6.44 -2.73
C VAL A 34 -15.41 5.35 -2.42
N SER A 35 -16.13 4.88 -3.44
CA SER A 35 -17.10 3.80 -3.26
C SER A 35 -16.42 2.60 -2.62
N GLU A 36 -15.23 2.20 -3.11
CA GLU A 36 -14.55 1.04 -2.59
C GLU A 36 -14.20 1.22 -1.11
N ALA A 37 -13.69 2.42 -0.75
CA ALA A 37 -13.30 2.69 0.63
C ALA A 37 -14.51 2.59 1.59
N LYS A 38 -15.62 3.22 1.19
CA LYS A 38 -16.83 3.14 2.02
C LYS A 38 -17.32 1.70 2.12
N ALA A 39 -17.28 0.94 1.03
CA ALA A 39 -17.73 -0.45 1.07
C ALA A 39 -16.85 -1.27 2.03
N ALA A 40 -15.55 -1.02 2.05
CA ALA A 40 -14.64 -1.76 2.93
C ALA A 40 -15.00 -1.50 4.40
N GLY A 41 -15.28 -0.25 4.72
CA GLY A 41 -15.69 0.09 6.09
C GLY A 41 -17.01 -0.55 6.49
N LYS A 42 -18.00 -0.52 5.60
CA LYS A 42 -19.29 -1.11 5.88
C LYS A 42 -19.11 -2.61 6.11
N LEU A 43 -18.29 -3.27 5.32
CA LEU A 43 -18.06 -4.72 5.42
C LEU A 43 -17.35 -5.05 6.74
N LEU A 44 -16.34 -4.27 7.12
CA LEU A 44 -15.64 -4.48 8.38
C LEU A 44 -16.65 -4.37 9.53
N LYS A 45 -17.54 -3.38 9.49
CA LYS A 45 -18.56 -3.25 10.55
C LYS A 45 -19.44 -4.51 10.58
N GLU A 46 -19.96 -4.91 9.43
CA GLU A 46 -20.82 -6.07 9.35
C GLU A 46 -20.15 -7.35 9.87
N GLU A 47 -18.86 -7.46 9.66
CA GLU A 47 -18.07 -8.63 10.08
C GLU A 47 -17.55 -8.54 11.50
N GLY A 48 -17.90 -7.49 12.25
CA GLY A 48 -17.65 -7.35 13.66
C GLY A 48 -16.32 -6.76 14.04
N TYR A 49 -15.63 -6.09 13.12
CA TYR A 49 -14.32 -5.48 13.36
C TYR A 49 -14.42 -4.05 13.87
N SER A 50 -13.70 -3.72 14.91
CA SER A 50 -13.40 -2.34 15.30
C SER A 50 -11.96 -2.30 15.73
N PHE A 51 -11.43 -1.08 15.91
CA PHE A 51 -10.01 -0.87 16.11
C PHE A 51 -9.71 0.00 17.34
N ASP A 52 -8.43 -0.03 17.73
CA ASP A 52 -7.87 0.87 18.74
C ASP A 52 -6.89 1.89 18.17
N PHE A 53 -6.28 1.67 17.03
CA PHE A 53 -5.24 2.54 16.47
C PHE A 53 -5.15 2.31 14.97
N ALA A 54 -4.87 3.36 14.19
CA ALA A 54 -4.66 3.23 12.75
C ALA A 54 -3.30 3.81 12.31
N TYR A 55 -2.65 3.11 11.37
CA TYR A 55 -1.50 3.59 10.64
C TYR A 55 -1.83 3.83 9.18
N THR A 56 -1.29 4.86 8.56
CA THR A 56 -1.39 5.10 7.14
C THR A 56 -0.16 5.84 6.65
N SER A 57 -0.09 6.12 5.34
CA SER A 57 0.99 6.86 4.74
C SER A 57 0.74 8.36 4.82
N VAL A 58 1.55 9.15 4.10
CA VAL A 58 1.29 10.58 3.94
C VAL A 58 0.66 10.91 2.59
N LEU A 59 0.17 9.88 1.85
CA LEU A 59 -0.45 10.05 0.54
C LEU A 59 -1.96 9.99 0.68
N LYS A 60 -2.66 10.97 0.12
CA LYS A 60 -4.08 11.16 0.32
C LYS A 60 -4.92 10.00 -0.18
N ARG A 61 -4.51 9.26 -1.19
CA ARG A 61 -5.34 8.14 -1.62
C ARG A 61 -5.49 7.13 -0.45
N ALA A 62 -4.42 6.92 0.34
CA ALA A 62 -4.47 6.03 1.50
C ALA A 62 -5.18 6.72 2.69
N ILE A 63 -4.85 7.99 2.98
CA ILE A 63 -5.42 8.69 4.11
C ILE A 63 -6.96 8.78 3.91
N HIS A 64 -7.40 9.15 2.71
CA HIS A 64 -8.85 9.25 2.46
C HIS A 64 -9.56 7.90 2.50
N THR A 65 -8.82 6.83 2.09
CA THR A 65 -9.41 5.50 2.30
C THR A 65 -9.66 5.26 3.79
N LEU A 66 -8.66 5.54 4.62
CA LEU A 66 -8.82 5.39 6.06
C LEU A 66 -9.96 6.25 6.63
N TRP A 67 -10.04 7.53 6.26
CA TRP A 67 -11.11 8.39 6.78
C TRP A 67 -12.49 7.81 6.46
N ASN A 68 -12.67 7.34 5.21
CA ASN A 68 -13.94 6.77 4.82
C ASN A 68 -14.25 5.50 5.61
N VAL A 69 -13.26 4.61 5.81
CA VAL A 69 -13.43 3.42 6.62
C VAL A 69 -13.82 3.77 8.05
N LEU A 70 -13.09 4.72 8.65
CA LEU A 70 -13.37 5.12 10.03
C LEU A 70 -14.80 5.66 10.15
N ASP A 71 -15.25 6.44 9.18
CA ASP A 71 -16.65 6.95 9.29
C ASP A 71 -17.64 5.81 9.25
N GLU A 72 -17.46 4.79 8.39
CA GLU A 72 -18.40 3.67 8.37
C GLU A 72 -18.41 2.91 9.67
N LEU A 73 -17.29 2.90 10.39
CA LEU A 73 -17.17 2.23 11.69
C LEU A 73 -17.61 3.10 12.87
N ASP A 74 -17.93 4.36 12.61
CA ASP A 74 -18.18 5.34 13.67
C ASP A 74 -16.98 5.44 14.62
N GLN A 75 -15.78 5.45 14.01
CA GLN A 75 -14.54 5.59 14.74
C GLN A 75 -13.67 6.73 14.16
N ALA A 76 -14.29 7.86 13.78
CA ALA A 76 -13.54 9.01 13.32
C ALA A 76 -12.60 9.55 14.38
N TRP A 77 -12.90 9.24 15.65
CA TRP A 77 -12.12 9.62 16.81
C TRP A 77 -10.86 8.81 17.03
N LEU A 78 -10.61 7.78 16.24
CA LEU A 78 -9.51 6.84 16.46
C LEU A 78 -8.17 7.56 16.37
N PRO A 79 -7.20 7.25 17.23
CA PRO A 79 -5.84 7.75 16.99
C PRO A 79 -5.29 7.24 15.67
N VAL A 80 -4.66 8.16 14.91
CA VAL A 80 -4.05 7.87 13.59
C VAL A 80 -2.62 8.37 13.56
N GLU A 81 -1.71 7.56 13.04
CA GLU A 81 -0.34 7.94 12.76
C GLU A 81 -0.10 7.83 11.26
N LYS A 82 0.37 8.91 10.66
CA LYS A 82 0.61 9.03 9.23
C LYS A 82 2.12 9.05 8.98
N SER A 83 2.68 8.06 8.28
CA SER A 83 4.13 7.96 8.12
C SER A 83 4.52 7.77 6.66
N TRP A 84 5.53 8.53 6.21
CA TRP A 84 6.11 8.33 4.90
C TRP A 84 6.68 6.95 4.71
N LYS A 85 7.04 6.28 5.75
CA LYS A 85 7.61 4.92 5.75
C LYS A 85 6.63 3.90 5.15
N LEU A 86 5.31 4.18 5.15
CA LEU A 86 4.31 3.36 4.52
C LEU A 86 3.93 3.83 3.09
N ASN A 87 4.62 4.80 2.55
CA ASN A 87 4.36 5.29 1.19
C ASN A 87 4.52 4.16 0.17
N GLU A 88 3.80 4.31 -0.95
CA GLU A 88 4.04 3.54 -2.18
C GLU A 88 5.50 3.60 -2.55
N ARG A 89 5.97 2.55 -3.25
CA ARG A 89 7.30 2.59 -3.90
C ARG A 89 7.40 3.80 -4.81
N HIS A 90 8.50 4.54 -4.69
CA HIS A 90 8.73 5.66 -5.59
C HIS A 90 9.02 5.19 -7.03
N TYR A 91 8.41 5.82 -8.01
CA TYR A 91 8.49 5.38 -9.41
C TYR A 91 9.48 6.16 -10.25
N GLY A 92 10.31 6.93 -9.68
CA GLY A 92 11.38 7.71 -10.33
C GLY A 92 10.80 8.61 -11.40
N ALA A 93 11.53 8.69 -12.52
CA ALA A 93 11.15 9.48 -13.69
C ALA A 93 9.89 8.93 -14.37
N LEU A 94 9.39 7.74 -14.00
CA LEU A 94 8.15 7.26 -14.58
C LEU A 94 6.93 7.93 -13.97
N GLN A 95 7.02 8.64 -12.84
CA GLN A 95 5.81 9.20 -12.19
C GLN A 95 5.12 10.17 -13.14
N GLY A 96 3.83 9.90 -13.40
CA GLY A 96 2.98 10.66 -14.28
C GLY A 96 2.84 10.08 -15.68
N LEU A 97 3.70 9.18 -16.08
CA LEU A 97 3.65 8.63 -17.44
C LEU A 97 2.55 7.59 -17.56
N ASN A 98 1.95 7.47 -18.74
CA ASN A 98 0.98 6.45 -19.06
C ASN A 98 1.69 5.11 -19.28
N LYS A 99 1.20 4.05 -18.65
CA LYS A 99 1.85 2.76 -18.68
C LYS A 99 1.87 2.12 -20.07
N ALA A 100 0.80 2.28 -20.83
CA ALA A 100 0.71 1.74 -22.17
C ALA A 100 1.66 2.47 -23.10
N GLU A 101 1.70 3.80 -23.04
CA GLU A 101 2.57 4.63 -23.86
C GLU A 101 4.03 4.33 -23.57
N THR A 102 4.32 4.09 -22.28
CA THR A 102 5.68 3.81 -21.86
C THR A 102 6.11 2.42 -22.37
N ALA A 103 5.21 1.43 -22.30
CA ALA A 103 5.51 0.10 -22.81
C ALA A 103 5.72 0.15 -24.33
N GLU A 104 4.98 0.98 -25.06
CA GLU A 104 5.22 1.10 -26.50
C GLU A 104 6.59 1.70 -26.76
N LYS A 105 6.98 2.76 -26.04
CA LYS A 105 8.20 3.50 -26.35
C LYS A 105 9.48 2.75 -25.97
N TYR A 106 9.43 1.98 -24.87
CA TYR A 106 10.58 1.32 -24.29
C TYR A 106 10.49 -0.22 -24.29
N GLY A 107 9.36 -0.79 -24.68
CA GLY A 107 9.18 -2.24 -24.66
C GLY A 107 8.38 -2.77 -23.52
N ASP A 108 7.53 -3.75 -23.75
CA ASP A 108 6.60 -4.29 -22.73
C ASP A 108 7.40 -4.97 -21.64
N GLU A 109 8.46 -5.73 -22.00
CA GLU A 109 9.24 -6.45 -20.98
C GLU A 109 9.98 -5.46 -20.10
N GLN A 110 10.59 -4.41 -20.68
CA GLN A 110 11.22 -3.35 -19.90
C GLN A 110 10.23 -2.73 -18.91
N VAL A 111 8.99 -2.48 -19.35
CA VAL A 111 8.03 -1.89 -18.39
C VAL A 111 7.73 -2.91 -17.30
N LYS A 112 7.65 -4.20 -17.61
CA LYS A 112 7.30 -5.19 -16.58
C LYS A 112 8.37 -5.19 -15.52
N GLN A 113 9.62 -5.04 -15.98
CA GLN A 113 10.73 -5.01 -15.04
C GLN A 113 10.70 -3.76 -14.18
N TRP A 114 10.40 -2.62 -14.82
CA TRP A 114 10.31 -1.39 -14.03
C TRP A 114 9.13 -1.49 -13.03
N ARG A 115 8.07 -2.21 -13.34
CA ARG A 115 6.92 -2.32 -12.42
C ARG A 115 7.20 -3.25 -11.27
N ARG A 116 7.86 -4.37 -11.54
CA ARG A 116 7.85 -5.54 -10.67
C ARG A 116 9.18 -6.19 -10.39
N GLY A 117 10.25 -5.88 -11.11
CA GLY A 117 11.51 -6.56 -10.84
C GLY A 117 11.97 -6.33 -9.41
N PHE A 118 12.32 -7.34 -8.64
CA PHE A 118 12.42 -7.28 -7.18
C PHE A 118 13.35 -6.16 -6.71
N ALA A 119 14.58 -6.17 -7.24
CA ALA A 119 15.59 -5.17 -6.88
C ALA A 119 15.82 -4.15 -8.02
N VAL A 120 15.00 -4.18 -9.05
CA VAL A 120 15.09 -3.27 -10.19
C VAL A 120 14.51 -1.90 -9.80
N THR A 121 15.27 -0.84 -10.11
CA THR A 121 14.78 0.50 -9.87
C THR A 121 14.33 1.16 -11.16
N PRO A 122 13.18 1.84 -11.18
CA PRO A 122 12.83 2.70 -12.32
C PRO A 122 13.91 3.73 -12.56
N PRO A 123 13.99 4.30 -13.76
CA PRO A 123 14.96 5.37 -14.05
C PRO A 123 14.83 6.49 -13.02
N GLU A 124 15.95 7.06 -12.61
CA GLU A 124 16.04 8.01 -11.50
C GLU A 124 15.68 9.43 -11.88
N LEU A 125 15.05 10.17 -10.97
CA LEU A 125 14.99 11.60 -10.94
C LEU A 125 16.37 12.20 -10.65
N THR A 126 16.54 13.48 -10.96
CA THR A 126 17.55 14.33 -10.39
C THR A 126 16.89 15.27 -9.37
N LYS A 127 17.67 15.87 -8.46
CA LYS A 127 17.16 16.68 -7.35
C LYS A 127 16.50 17.97 -7.81
N ASP A 128 16.81 18.45 -9.01
CA ASP A 128 16.19 19.66 -9.54
C ASP A 128 14.81 19.39 -10.13
N ASP A 129 14.46 18.15 -10.40
CA ASP A 129 13.15 17.81 -10.98
C ASP A 129 12.05 18.33 -10.09
N GLU A 130 10.96 18.88 -10.66
CA GLU A 130 9.83 19.32 -9.93
C GLU A 130 9.26 18.23 -9.01
N ARG A 131 9.46 16.96 -9.41
CA ARG A 131 8.90 15.83 -8.68
C ARG A 131 9.76 15.35 -7.53
N TYR A 132 10.97 15.89 -7.35
CA TYR A 132 11.88 15.42 -6.29
C TYR A 132 11.20 15.59 -4.92
N PRO A 133 11.10 14.55 -4.08
CA PRO A 133 10.43 14.72 -2.79
C PRO A 133 11.02 15.81 -1.89
N GLY A 134 12.27 16.19 -2.03
CA GLY A 134 12.81 17.22 -1.18
C GLY A 134 12.13 18.57 -1.27
N HIS A 135 11.45 18.87 -2.36
CA HIS A 135 10.76 20.13 -2.48
C HIS A 135 9.47 20.21 -1.67
N ASP A 136 8.93 19.09 -1.23
CA ASP A 136 7.58 19.00 -0.66
C ASP A 136 7.63 19.12 0.83
N PRO A 137 6.80 19.98 1.42
CA PRO A 137 6.81 20.16 2.87
C PRO A 137 6.51 18.93 3.67
N ARG A 138 5.89 17.90 3.14
CA ARG A 138 5.74 16.89 4.21
C ARG A 138 6.94 16.01 4.39
N TYR A 139 8.01 16.20 3.62
CA TYR A 139 9.27 15.49 3.81
C TYR A 139 10.36 16.38 4.38
N ALA A 140 9.97 17.50 5.02
CA ALA A 140 10.93 18.47 5.51
C ALA A 140 11.92 17.83 6.50
N LYS A 141 11.53 16.78 7.22
CA LYS A 141 12.41 16.18 8.25
C LYS A 141 13.28 15.07 7.69
N LEU A 142 13.14 14.71 6.40
CA LEU A 142 13.94 13.63 5.82
C LEU A 142 15.32 14.10 5.42
N SER A 143 16.32 13.19 5.53
CA SER A 143 17.65 13.42 4.98
C SER A 143 17.77 13.13 3.46
N GLU A 144 18.88 13.53 2.78
CA GLU A 144 19.09 13.23 1.36
C GLU A 144 18.99 11.73 1.13
N LYS A 145 19.62 10.99 2.06
CA LYS A 145 19.57 9.55 1.88
C LYS A 145 18.15 9.00 2.05
N GLU A 146 17.31 9.64 2.85
CA GLU A 146 15.91 9.14 2.95
C GLU A 146 15.09 9.56 1.76
N LEU A 147 15.33 10.72 1.14
CA LEU A 147 14.56 11.26 0.06
C LEU A 147 14.85 10.45 -1.21
N PRO A 148 13.92 9.71 -1.77
CA PRO A 148 14.24 8.88 -2.93
C PRO A 148 14.28 9.59 -4.26
N LEU A 149 15.18 9.13 -5.13
CA LEU A 149 15.18 9.41 -6.56
C LEU A 149 14.41 8.38 -7.40
N THR A 150 14.21 7.21 -6.78
CA THR A 150 13.61 6.00 -7.33
C THR A 150 13.58 4.94 -6.22
N GLU A 151 12.77 3.93 -6.30
CA GLU A 151 12.78 2.80 -5.37
C GLU A 151 12.44 1.52 -6.13
N SER A 152 12.89 0.42 -5.56
CA SER A 152 12.51 -0.94 -5.91
C SER A 152 11.66 -1.51 -4.77
N LEU A 153 11.05 -2.69 -4.97
CA LEU A 153 10.39 -3.38 -3.84
C LEU A 153 11.44 -3.69 -2.78
N ALA A 154 12.66 -4.08 -3.14
CA ALA A 154 13.72 -4.38 -2.14
C ALA A 154 13.95 -3.16 -1.24
N LEU A 155 14.05 -1.94 -1.84
CA LEU A 155 14.24 -0.73 -1.05
C LEU A 155 13.01 -0.35 -0.22
N THR A 156 11.82 -0.68 -0.73
CA THR A 156 10.55 -0.46 0.00
C THR A 156 10.53 -1.34 1.25
N ILE A 157 10.92 -2.62 1.15
CA ILE A 157 11.06 -3.50 2.30
C ILE A 157 11.99 -2.90 3.34
N ASP A 158 13.11 -2.34 2.87
CA ASP A 158 14.13 -1.79 3.78
C ASP A 158 13.60 -0.64 4.61
N ARG A 159 12.53 0.06 4.23
CA ARG A 159 11.90 1.05 5.14
C ARG A 159 10.64 0.58 5.85
N VAL A 160 9.84 -0.28 5.20
CA VAL A 160 8.62 -0.76 5.84
C VAL A 160 8.85 -1.72 6.99
N ILE A 161 9.75 -2.68 6.82
CA ILE A 161 9.94 -3.71 7.84
C ILE A 161 10.52 -3.09 9.11
N PRO A 162 11.51 -2.18 9.10
CA PRO A 162 11.92 -1.55 10.38
C PRO A 162 10.77 -0.82 11.06
N TYR A 163 9.91 -0.14 10.32
CA TYR A 163 8.76 0.57 10.93
C TYR A 163 7.79 -0.41 11.59
N TRP A 164 7.55 -1.53 10.90
CA TRP A 164 6.82 -2.67 11.46
C TRP A 164 7.40 -3.12 12.81
N ASN A 165 8.71 -3.44 12.81
CA ASN A 165 9.34 -3.97 14.03
C ASN A 165 9.53 -2.95 15.14
N GLU A 166 9.76 -1.68 14.80
CA GLU A 166 10.02 -0.65 15.84
C GLU A 166 8.76 -0.10 16.44
N THR A 167 7.70 -0.03 15.64
CA THR A 167 6.51 0.79 15.97
C THR A 167 5.22 0.01 15.92
N ILE A 168 4.87 -0.63 14.83
CA ILE A 168 3.52 -1.19 14.64
C ILE A 168 3.35 -2.46 15.47
N LEU A 169 4.27 -3.43 15.30
CA LEU A 169 4.15 -4.72 16.00
C LEU A 169 4.17 -4.50 17.48
N PRO A 170 5.02 -3.66 18.09
CA PRO A 170 4.94 -3.45 19.54
C PRO A 170 3.57 -2.95 20.01
N ARG A 171 2.94 -2.08 19.19
CA ARG A 171 1.61 -1.62 19.59
C ARG A 171 0.63 -2.78 19.60
N MET A 172 0.69 -3.64 18.58
CA MET A 172 -0.14 -4.83 18.58
C MET A 172 0.13 -5.69 19.81
N LYS A 173 1.37 -5.84 20.19
CA LYS A 173 1.71 -6.73 21.30
C LYS A 173 1.19 -6.18 22.62
N SER A 174 1.00 -4.86 22.72
CA SER A 174 0.44 -4.21 23.89
C SER A 174 -1.08 -4.41 24.03
N GLY A 175 -1.73 -5.06 23.08
CA GLY A 175 -3.12 -5.49 23.10
C GLY A 175 -4.02 -4.63 22.27
N GLU A 176 -3.52 -3.74 21.45
CA GLU A 176 -4.30 -2.85 20.60
C GLU A 176 -4.61 -3.45 19.23
N ARG A 177 -5.84 -3.24 18.79
CA ARG A 177 -6.32 -3.72 17.48
C ARG A 177 -5.94 -2.69 16.44
N VAL A 178 -5.07 -3.02 15.50
CA VAL A 178 -4.51 -2.12 14.49
C VAL A 178 -5.14 -2.37 13.11
N ILE A 179 -5.36 -1.26 12.40
CA ILE A 179 -5.62 -1.23 10.95
C ILE A 179 -4.50 -0.45 10.28
N ILE A 180 -4.02 -0.95 9.12
CA ILE A 180 -3.04 -0.26 8.28
C ILE A 180 -3.71 -0.02 6.92
N ALA A 181 -3.85 1.26 6.51
CA ALA A 181 -4.37 1.66 5.20
C ALA A 181 -3.16 2.18 4.42
N ALA A 182 -2.80 1.46 3.34
CA ALA A 182 -1.52 1.83 2.65
C ALA A 182 -1.59 1.51 1.16
N HIS A 183 -0.54 0.99 0.58
CA HIS A 183 -0.30 0.96 -0.85
C HIS A 183 0.11 -0.41 -1.33
N GLY A 184 0.02 -0.67 -2.63
CA GLY A 184 0.43 -1.90 -3.22
C GLY A 184 1.80 -2.43 -2.81
N ASN A 185 2.86 -1.65 -3.01
CA ASN A 185 4.18 -2.18 -2.72
C ASN A 185 4.54 -2.12 -1.25
N SER A 186 4.01 -1.18 -0.48
CA SER A 186 4.29 -1.20 0.96
C SER A 186 3.61 -2.35 1.66
N LEU A 187 2.38 -2.70 1.23
CA LEU A 187 1.69 -3.86 1.75
C LEU A 187 2.28 -5.17 1.22
N ARG A 188 2.72 -5.21 -0.04
CA ARG A 188 3.42 -6.39 -0.55
C ARG A 188 4.72 -6.61 0.24
N ALA A 189 5.44 -5.54 0.60
CA ALA A 189 6.62 -5.67 1.42
C ALA A 189 6.30 -6.36 2.75
N LEU A 190 5.25 -5.86 3.43
CA LEU A 190 4.87 -6.44 4.73
C LEU A 190 4.42 -7.89 4.54
N VAL A 191 3.59 -8.20 3.55
CA VAL A 191 3.11 -9.57 3.33
C VAL A 191 4.26 -10.53 3.02
N LYS A 192 5.26 -10.09 2.23
CA LYS A 192 6.39 -10.97 1.95
C LYS A 192 7.04 -11.38 3.27
N TYR A 193 7.19 -10.41 4.18
CA TYR A 193 7.87 -10.64 5.44
C TYR A 193 7.04 -11.55 6.35
N LEU A 194 5.75 -11.25 6.43
CA LEU A 194 4.90 -12.07 7.30
C LEU A 194 4.69 -13.48 6.78
N ASP A 195 4.57 -13.66 5.46
CA ASP A 195 4.29 -14.94 4.82
C ASP A 195 5.55 -15.72 4.48
N ASN A 196 6.76 -15.23 4.79
CA ASN A 196 7.99 -15.94 4.44
C ASN A 196 8.07 -16.24 2.95
N MET A 197 7.67 -15.28 2.12
CA MET A 197 7.70 -15.51 0.68
C MET A 197 9.05 -15.26 0.01
N SER A 198 9.29 -16.03 -1.05
CA SER A 198 10.48 -15.86 -1.89
C SER A 198 10.32 -14.63 -2.79
N GLU A 199 11.42 -14.23 -3.46
CA GLU A 199 11.21 -13.22 -4.49
C GLU A 199 10.21 -13.67 -5.56
N GLU A 200 10.33 -14.93 -6.02
CA GLU A 200 9.40 -15.43 -7.06
C GLU A 200 7.95 -15.36 -6.60
N GLU A 201 7.66 -15.69 -5.34
CA GLU A 201 6.28 -15.69 -4.81
C GLU A 201 5.76 -14.28 -4.70
N ILE A 202 6.57 -13.34 -4.21
CA ILE A 202 5.99 -12.02 -4.03
C ILE A 202 5.71 -11.33 -5.35
N LEU A 203 6.47 -11.64 -6.39
CA LEU A 203 6.26 -11.06 -7.73
C LEU A 203 4.89 -11.46 -8.25
N GLU A 204 4.34 -12.57 -7.83
CA GLU A 204 3.03 -13.00 -8.33
C GLU A 204 1.88 -12.33 -7.60
N LEU A 205 2.09 -11.79 -6.41
CA LEU A 205 1.02 -11.30 -5.59
C LEU A 205 0.58 -9.89 -6.00
N ASN A 206 -0.71 -9.73 -6.20
CA ASN A 206 -1.34 -8.42 -6.34
C ASN A 206 -2.40 -8.30 -5.26
N ILE A 207 -2.26 -7.29 -4.43
CA ILE A 207 -3.30 -7.02 -3.40
C ILE A 207 -4.34 -6.08 -3.99
N PRO A 208 -5.60 -6.44 -4.13
CA PRO A 208 -6.54 -5.55 -4.82
C PRO A 208 -6.91 -4.33 -3.98
N THR A 209 -7.28 -3.25 -4.69
CA THR A 209 -7.67 -2.01 -4.03
C THR A 209 -8.93 -2.21 -3.17
N GLY A 210 -8.93 -1.65 -1.97
CA GLY A 210 -10.10 -1.62 -1.14
C GLY A 210 -10.60 -2.92 -0.54
N VAL A 211 -9.79 -3.95 -0.50
CA VAL A 211 -10.24 -5.25 0.00
C VAL A 211 -9.60 -5.57 1.36
N PRO A 212 -10.35 -5.66 2.46
CA PRO A 212 -9.69 -6.00 3.74
C PRO A 212 -8.97 -7.34 3.72
N LEU A 213 -7.73 -7.36 4.20
CA LEU A 213 -6.87 -8.54 4.34
C LEU A 213 -6.58 -8.69 5.83
N VAL A 214 -7.13 -9.74 6.44
CA VAL A 214 -7.02 -9.99 7.86
C VAL A 214 -5.92 -11.01 8.16
N TYR A 215 -5.05 -10.69 9.10
CA TYR A 215 -4.09 -11.59 9.68
C TYR A 215 -4.47 -11.97 11.10
N GLU A 216 -4.35 -13.26 11.42
CA GLU A 216 -4.40 -13.81 12.77
C GLU A 216 -3.01 -14.16 13.25
N PHE A 217 -2.69 -13.71 14.45
CA PHE A 217 -1.41 -13.97 15.11
C PHE A 217 -1.63 -14.78 16.39
N ASP A 218 -0.75 -15.75 16.64
CA ASP A 218 -0.84 -16.52 17.89
C ASP A 218 -0.24 -15.74 19.06
N GLU A 219 -0.03 -16.42 20.18
CA GLU A 219 0.32 -15.76 21.40
C GLU A 219 1.78 -15.32 21.37
N ASN A 220 2.51 -15.92 20.44
CA ASN A 220 3.89 -15.54 20.22
C ASN A 220 4.01 -14.56 19.06
N PHE A 221 2.89 -14.09 18.57
CA PHE A 221 2.84 -13.22 17.38
C PHE A 221 3.49 -13.84 16.16
N LYS A 222 3.38 -15.17 16.02
CA LYS A 222 3.63 -15.86 14.74
C LYS A 222 2.32 -15.82 13.95
N PRO A 223 2.37 -15.41 12.68
CA PRO A 223 1.14 -15.49 11.88
C PRO A 223 0.57 -16.90 11.84
N LEU A 224 -0.74 -17.00 12.08
CA LEU A 224 -1.49 -18.27 12.01
C LEU A 224 -2.23 -18.45 10.70
N LYS A 225 -2.83 -17.39 10.18
CA LYS A 225 -3.68 -17.45 8.99
C LYS A 225 -3.88 -16.05 8.44
N ARG A 226 -4.21 -15.95 7.17
CA ARG A 226 -4.58 -14.68 6.57
C ARG A 226 -5.70 -14.91 5.56
N TYR A 227 -6.61 -13.98 5.40
CA TYR A 227 -7.77 -14.15 4.54
C TYR A 227 -8.37 -12.79 4.16
N TYR A 228 -8.98 -12.77 2.99
CA TYR A 228 -9.68 -11.57 2.53
C TYR A 228 -11.13 -11.59 3.01
N LEU A 229 -11.69 -10.40 3.26
CA LEU A 229 -13.08 -10.20 3.50
C LEU A 229 -13.81 -9.70 2.25
N GLY A 230 -14.94 -10.30 1.94
CA GLY A 230 -15.81 -9.88 0.85
C GLY A 230 -16.16 -11.03 -0.09
N ASN A 231 -16.57 -10.66 -1.30
CA ASN A 231 -17.06 -11.59 -2.30
C ASN A 231 -15.87 -12.28 -2.99
N ALA A 232 -15.76 -13.60 -2.79
CA ALA A 232 -14.57 -14.33 -3.22
C ALA A 232 -14.37 -14.24 -4.75
N ASP A 233 -15.44 -14.41 -5.52
CA ASP A 233 -15.29 -14.38 -6.98
C ASP A 233 -14.79 -13.01 -7.44
N GLU A 234 -15.32 -11.93 -6.89
CA GLU A 234 -14.93 -10.58 -7.25
C GLU A 234 -13.49 -10.29 -6.86
N ILE A 235 -13.10 -10.67 -5.65
CA ILE A 235 -11.75 -10.41 -5.14
C ILE A 235 -10.70 -11.18 -5.94
N ALA A 236 -10.96 -12.48 -6.15
CA ALA A 236 -9.95 -13.28 -6.89
C ALA A 236 -9.79 -12.76 -8.29
N ALA A 237 -10.90 -12.34 -8.96
CA ALA A 237 -10.74 -11.77 -10.31
C ALA A 237 -9.90 -10.50 -10.29
N LYS A 238 -10.13 -9.67 -9.27
CA LYS A 238 -9.44 -8.41 -9.10
C LYS A 238 -7.96 -8.54 -8.71
N ALA A 239 -7.57 -9.67 -8.17
CA ALA A 239 -6.20 -9.93 -7.76
C ALA A 239 -5.30 -10.46 -8.89
N ALA A 240 -5.83 -10.67 -10.07
CA ALA A 240 -5.04 -11.05 -11.26
C ALA A 240 -4.23 -9.86 -11.77
N ALA A 241 -3.03 -10.09 -12.30
CA ALA A 241 -2.21 -9.03 -12.91
C ALA A 241 -2.84 -8.47 -14.18
N VAL A 242 -2.78 -7.15 -14.33
CA VAL A 242 -3.32 -6.45 -15.48
C VAL A 242 -2.19 -6.05 -16.43
N ALA A 243 -2.41 -6.22 -17.73
CA ALA A 243 -1.39 -5.90 -18.73
C ALA A 243 -1.00 -4.43 -18.68
N ASN A 244 0.15 -4.06 -19.22
CA ASN A 244 0.57 -2.67 -19.32
C ASN A 244 -0.41 -1.85 -20.12
N GLN A 245 -1.14 -2.49 -21.03
CA GLN A 245 -2.09 -1.77 -21.91
C GLN A 245 -3.39 -1.45 -21.17
N GLY A 246 -3.59 -1.96 -19.94
CA GLY A 246 -4.80 -1.83 -19.15
C GLY A 246 -5.75 -3.01 -19.27
N LYS A 247 -6.86 -3.02 -18.49
CA LYS A 247 -7.93 -3.94 -18.46
C LYS A 247 -9.16 -3.48 -19.31
S SO4 B . 0.96 3.25 -8.56
O1 SO4 B . 2.32 3.66 -8.12
O2 SO4 B . 0.70 3.85 -9.90
O3 SO4 B . 0.89 1.78 -8.66
O4 SO4 B . -0.03 3.77 -7.59
S SO4 C . 1.56 -2.91 -10.34
O1 SO4 C . 2.63 -2.96 -9.38
O2 SO4 C . 2.21 -2.01 -11.40
O3 SO4 C . 1.34 -4.25 -11.03
O4 SO4 C . 0.30 -2.30 -9.97
CL CL D . -6.96 11.68 11.28
#